data_8C1G
#
_entry.id   8C1G
#
_cell.length_a   80.820
_cell.length_b   80.820
_cell.length_c   164.674
_cell.angle_alpha   90.000
_cell.angle_beta   90.000
_cell.angle_gamma   120.000
#
_symmetry.space_group_name_H-M   'P 61 2 2'
#
loop_
_entity.id
_entity.type
_entity.pdbx_description
1 polymer 'Aurora kinase A'
2 non-polymer 4-(4-chlorophenyl)-~{N}-(dimethylsulfamoyl)-7-methyl-1~{H}-indole-6-carboxamide
3 non-polymer "ADENOSINE-5'-DIPHOSPHATE"
4 non-polymer 'MAGNESIUM ION'
5 non-polymer GLYCEROL
6 non-polymer '(1~{R},2~{R})-cyclohexane-1,2-dicarboxylic acid'
7 non-polymer 'SULFATE ION'
8 non-polymer 'DIMETHYL SULFOXIDE'
9 non-polymer 'ACETATE ION'
10 water water
#
_entity_poly.entity_id   1
_entity_poly.type   'polypeptide(L)'
_entity_poly.pdbx_seq_one_letter_code
;MGRQWALEDFEIGRPLGKGKFGNVYLAREKQSKFILALKVLFKAQLEKAGVEHQLRREVEIQSHLRHPNILRLYGYFHDA
TRVYLILEYAPLGTVYRELQKLSKFDEQRTATYITELANALSYCHSKRVIHRDIKPENLLLGSAGELKIADFGWSVHAPS
SRRTTLAGTLDYLPPEMIEGRMHDEKVDLWSLGVLCYEFLVGKPPFEANTYQETYKRISRVEFTFPDFVTEGARDLISRL
LKHNPSQRPMLREVLEHPWITANSS
;
_entity_poly.pdbx_strand_id   A
#
loop_
_chem_comp.id
_chem_comp.type
_chem_comp.name
_chem_comp.formula
ACT non-polymer 'ACETATE ION' 'C2 H3 O2 -1'
ADP non-polymer ADENOSINE-5'-DIPHOSPHATE 'C10 H15 N5 O10 P2'
DMS non-polymer 'DIMETHYL SULFOXIDE' 'C2 H6 O S'
GOL non-polymer GLYCEROL 'C3 H8 O3'
MG non-polymer 'MAGNESIUM ION' 'Mg 2'
SO4 non-polymer 'SULFATE ION' 'O4 S -2'
T3I non-polymer 4-(4-chlorophenyl)-~{N}-(dimethylsulfamoyl)-7-methyl-1~{H}-indole-6-carboxamide 'C18 H18 Cl N3 O3 S'
T5L non-polymer '(1~{R},2~{R})-cyclohexane-1,2-dicarboxylic acid' 'C8 H12 O4'
#
# COMPACT_ATOMS: atom_id res chain seq x y z
N GLN A 4 -13.06 -25.94 -0.86
CA GLN A 4 -12.88 -25.55 -2.26
C GLN A 4 -11.45 -25.93 -2.69
N TRP A 5 -10.46 -25.03 -2.48
CA TRP A 5 -9.08 -25.25 -2.90
C TRP A 5 -8.28 -25.90 -1.82
N ALA A 6 -7.19 -26.60 -2.20
CA ALA A 6 -6.20 -27.22 -1.34
C ALA A 6 -4.82 -27.08 -1.99
N LEU A 7 -3.73 -27.22 -1.22
CA LEU A 7 -2.35 -27.08 -1.67
C LEU A 7 -2.01 -27.97 -2.89
N GLU A 8 -2.53 -29.22 -2.89
CA GLU A 8 -2.42 -30.21 -3.97
C GLU A 8 -2.93 -29.65 -5.33
N ASP A 9 -3.68 -28.51 -5.34
CA ASP A 9 -4.21 -27.98 -6.61
C ASP A 9 -3.23 -27.03 -7.32
N PHE A 10 -2.07 -26.78 -6.72
CA PHE A 10 -1.10 -25.81 -7.20
C PHE A 10 0.31 -26.34 -7.27
N GLU A 11 1.05 -25.93 -8.30
CA GLU A 11 2.49 -26.23 -8.42
C GLU A 11 3.10 -24.96 -7.88
N ILE A 12 4.11 -25.06 -7.03
CA ILE A 12 4.72 -23.91 -6.40
C ILE A 12 6.04 -23.58 -7.11
N GLY A 13 6.31 -22.27 -7.22
CA GLY A 13 7.51 -21.81 -7.88
C GLY A 13 8.44 -21.09 -6.93
N ARG A 14 9.21 -20.18 -7.49
CA ARG A 14 10.10 -19.42 -6.65
C ARG A 14 9.29 -18.50 -5.69
N PRO A 15 9.91 -18.09 -4.58
CA PRO A 15 9.28 -17.09 -3.74
C PRO A 15 9.27 -15.73 -4.46
N LEU A 16 8.16 -15.02 -4.34
CA LEU A 16 7.99 -13.67 -4.88
C LEU A 16 8.43 -12.60 -3.88
N GLY A 17 8.48 -12.96 -2.58
CA GLY A 17 8.88 -12.03 -1.53
C GLY A 17 8.65 -12.49 -0.10
N LYS A 18 9.35 -11.86 0.85
CA LYS A 18 9.23 -12.22 2.26
C LYS A 18 8.08 -11.46 2.89
N GLY A 19 7.30 -12.16 3.67
CA GLY A 19 6.18 -11.58 4.40
C GLY A 19 6.48 -11.49 5.88
N LYS A 20 5.67 -10.74 6.61
CA LYS A 20 5.77 -10.57 8.06
C LYS A 20 5.39 -11.87 8.78
N PHE A 21 4.47 -12.69 8.21
CA PHE A 21 4.01 -13.92 8.84
C PHE A 21 4.18 -15.19 7.98
N GLY A 22 5.03 -15.12 6.94
CA GLY A 22 5.31 -16.23 6.03
C GLY A 22 5.98 -15.74 4.77
N ASN A 23 5.64 -16.32 3.61
CA ASN A 23 6.22 -15.93 2.32
C ASN A 23 5.21 -15.94 1.21
N VAL A 24 5.47 -15.17 0.13
CA VAL A 24 4.62 -15.15 -1.05
C VAL A 24 5.37 -15.94 -2.15
N TYR A 25 4.67 -16.84 -2.80
CA TYR A 25 5.19 -17.70 -3.83
C TYR A 25 4.46 -17.58 -5.10
N LEU A 26 5.20 -17.77 -6.23
CA LEU A 26 4.59 -17.89 -7.53
C LEU A 26 3.93 -19.28 -7.54
N ALA A 27 2.78 -19.41 -8.15
CA ALA A 27 2.16 -20.72 -8.16
C ALA A 27 1.33 -20.83 -9.41
N ARG A 28 1.02 -22.07 -9.83
CA ARG A 28 0.18 -22.30 -10.99
C ARG A 28 -0.94 -23.27 -10.61
N GLU A 29 -2.19 -22.93 -10.94
CA GLU A 29 -3.31 -23.83 -10.68
C GLU A 29 -3.23 -24.94 -11.74
N LYS A 30 -3.10 -26.19 -11.28
CA LYS A 30 -2.88 -27.41 -12.08
C LYS A 30 -3.86 -27.64 -13.21
N GLN A 31 -5.16 -27.51 -12.96
CA GLN A 31 -6.16 -27.73 -13.98
C GLN A 31 -6.21 -26.66 -15.07
N SER A 32 -6.23 -25.38 -14.67
CA SER A 32 -6.42 -24.24 -15.58
C SER A 32 -5.14 -23.63 -16.12
N LYS A 33 -4.03 -23.84 -15.45
CA LYS A 33 -2.74 -23.25 -15.82
C LYS A 33 -2.69 -21.75 -15.42
N PHE A 34 -3.51 -21.37 -14.42
CA PHE A 34 -3.58 -19.99 -13.97
C PHE A 34 -2.40 -19.68 -13.08
N ILE A 35 -1.57 -18.70 -13.48
CA ILE A 35 -0.41 -18.29 -12.68
C ILE A 35 -0.95 -17.27 -11.69
N LEU A 36 -0.48 -17.33 -10.46
CA LEU A 36 -1.00 -16.53 -9.37
C LEU A 36 0.05 -16.45 -8.31
N ALA A 37 -0.21 -15.61 -7.30
CA ALA A 37 0.68 -15.50 -6.17
C ALA A 37 -0.04 -16.16 -4.97
N LEU A 38 0.69 -16.97 -4.20
CA LEU A 38 0.12 -17.63 -3.04
C LEU A 38 0.73 -17.07 -1.80
N LYS A 39 -0.01 -16.25 -1.04
CA LYS A 39 0.51 -15.68 0.20
C LYS A 39 0.32 -16.70 1.35
N VAL A 40 1.43 -17.23 1.85
CA VAL A 40 1.45 -18.32 2.84
C VAL A 40 1.76 -17.75 4.20
N LEU A 41 0.91 -18.05 5.17
CA LEU A 41 1.08 -17.51 6.52
C LEU A 41 1.07 -18.65 7.53
N PHE A 42 1.99 -18.62 8.50
CA PHE A 42 2.04 -19.65 9.53
C PHE A 42 1.04 -19.35 10.66
N LYS A 43 0.14 -20.31 10.98
CA LYS A 43 -0.87 -20.16 12.04
C LYS A 43 -0.26 -19.83 13.40
N ALA A 44 0.81 -20.54 13.77
CA ALA A 44 1.51 -20.35 15.04
C ALA A 44 1.96 -18.90 15.20
N GLN A 45 2.52 -18.29 14.14
CA GLN A 45 2.97 -16.89 14.16
C GLN A 45 1.85 -15.90 14.25
N LEU A 46 0.73 -16.15 13.52
CA LEU A 46 -0.43 -15.27 13.56
C LEU A 46 -1.04 -15.26 15.00
N GLU A 47 -1.16 -16.44 15.60
CA GLU A 47 -1.69 -16.68 16.95
C GLU A 47 -0.81 -15.99 18.00
N LYS A 48 0.52 -16.17 17.89
CA LYS A 48 1.46 -15.55 18.82
C LYS A 48 1.35 -14.00 18.86
N ALA A 49 1.00 -13.38 17.71
CA ALA A 49 0.85 -11.94 17.58
C ALA A 49 -0.60 -11.49 17.79
N GLY A 50 -1.55 -12.43 17.79
CA GLY A 50 -2.96 -12.13 18.01
C GLY A 50 -3.63 -11.42 16.86
N VAL A 51 -3.18 -11.73 15.63
CA VAL A 51 -3.68 -11.08 14.41
C VAL A 51 -4.57 -12.01 13.54
N GLU A 52 -5.00 -13.16 14.10
CA GLU A 52 -5.84 -14.14 13.41
C GLU A 52 -7.14 -13.55 12.94
N HIS A 53 -7.77 -12.62 13.69
CA HIS A 53 -9.02 -12.04 13.15
C HIS A 53 -8.77 -10.94 12.11
N GLN A 54 -7.66 -10.20 12.25
CA GLN A 54 -7.28 -9.18 11.29
C GLN A 54 -6.98 -9.84 9.90
N LEU A 55 -6.47 -11.10 9.91
CA LEU A 55 -6.23 -11.86 8.68
C LEU A 55 -7.59 -12.12 8.03
N ARG A 56 -8.64 -12.44 8.83
CA ARG A 56 -10.00 -12.60 8.26
C ARG A 56 -10.45 -11.28 7.61
N ARG A 57 -10.03 -10.13 8.20
CA ARG A 57 -10.38 -8.81 7.72
C ARG A 57 -9.70 -8.51 6.36
N GLU A 58 -8.40 -8.82 6.25
CA GLU A 58 -7.64 -8.66 5.00
C GLU A 58 -8.40 -9.44 3.91
N VAL A 59 -8.75 -10.70 4.19
CA VAL A 59 -9.46 -11.53 3.22
C VAL A 59 -10.84 -10.98 2.84
N GLU A 60 -11.69 -10.67 3.84
CA GLU A 60 -13.06 -10.19 3.58
C GLU A 60 -13.07 -8.86 2.82
N ILE A 61 -12.21 -7.91 3.23
CA ILE A 61 -12.12 -6.61 2.56
C ILE A 61 -11.58 -6.76 1.10
N GLN A 62 -10.35 -7.31 0.93
CA GLN A 62 -9.72 -7.45 -0.41
C GLN A 62 -10.55 -8.27 -1.38
N SER A 63 -11.18 -9.35 -0.92
CA SER A 63 -11.97 -10.23 -1.80
C SER A 63 -13.17 -9.55 -2.44
N HIS A 64 -13.70 -8.47 -1.82
CA HIS A 64 -14.85 -7.73 -2.33
C HIS A 64 -14.50 -6.44 -3.10
N LEU A 65 -13.20 -6.17 -3.32
CA LEU A 65 -12.78 -5.01 -4.12
C LEU A 65 -12.54 -5.44 -5.57
N ARG A 66 -13.17 -4.73 -6.51
CA ARG A 66 -13.01 -4.97 -7.94
C ARG A 66 -12.68 -3.63 -8.57
N HIS A 67 -11.42 -3.44 -8.91
CA HIS A 67 -10.91 -2.22 -9.53
C HIS A 67 -9.61 -2.57 -10.27
N PRO A 68 -9.34 -1.97 -11.46
CA PRO A 68 -8.09 -2.32 -12.18
C PRO A 68 -6.79 -1.93 -11.46
N ASN A 69 -6.83 -0.95 -10.53
CA ASN A 69 -5.62 -0.58 -9.77
C ASN A 69 -5.58 -1.14 -8.33
N ILE A 70 -6.35 -2.21 -8.09
CA ILE A 70 -6.36 -2.92 -6.80
C ILE A 70 -6.11 -4.39 -7.08
N LEU A 71 -5.07 -4.97 -6.42
CA LEU A 71 -4.73 -6.41 -6.56
C LEU A 71 -5.92 -7.32 -6.19
N ARG A 72 -6.22 -8.35 -7.00
CA ARG A 72 -7.36 -9.22 -6.69
C ARG A 72 -6.98 -10.28 -5.66
N LEU A 73 -7.92 -10.65 -4.79
CA LEU A 73 -7.74 -11.76 -3.88
C LEU A 73 -8.89 -12.68 -4.33
N TYR A 74 -8.55 -13.86 -4.84
CA TYR A 74 -9.49 -14.82 -5.41
C TYR A 74 -10.14 -15.72 -4.40
N GLY A 75 -9.39 -16.03 -3.35
CA GLY A 75 -9.84 -16.87 -2.26
C GLY A 75 -8.75 -17.24 -1.29
N TYR A 76 -9.07 -18.21 -0.47
CA TYR A 76 -8.13 -18.69 0.56
C TYR A 76 -8.49 -20.10 0.90
N PHE A 77 -7.58 -20.74 1.60
CA PHE A 77 -7.71 -22.08 2.11
C PHE A 77 -6.62 -22.21 3.17
N HIS A 78 -6.68 -23.28 3.95
CA HIS A 78 -5.77 -23.47 5.07
C HIS A 78 -5.66 -24.91 5.47
N ASP A 79 -4.53 -25.24 6.08
CA ASP A 79 -4.34 -26.60 6.53
C ASP A 79 -4.00 -26.57 8.02
N ALA A 80 -3.44 -27.65 8.54
CA ALA A 80 -3.14 -27.76 9.96
C ALA A 80 -2.23 -26.68 10.51
N THR A 81 -1.30 -26.17 9.69
CA THR A 81 -0.26 -25.22 10.12
C THR A 81 -0.22 -23.85 9.37
N ARG A 82 -0.92 -23.72 8.22
CA ARG A 82 -0.83 -22.52 7.39
C ARG A 82 -2.13 -22.05 6.81
N VAL A 83 -2.17 -20.74 6.46
CA VAL A 83 -3.25 -20.10 5.76
C VAL A 83 -2.64 -19.66 4.41
N TYR A 84 -3.37 -19.89 3.34
CA TYR A 84 -2.94 -19.55 1.98
C TYR A 84 -3.91 -18.62 1.35
N LEU A 85 -3.43 -17.43 0.96
CA LEU A 85 -4.25 -16.42 0.26
C LEU A 85 -3.91 -16.52 -1.25
N ILE A 86 -4.95 -16.69 -2.09
CA ILE A 86 -4.84 -16.80 -3.54
C ILE A 86 -4.97 -15.38 -4.14
N LEU A 87 -3.81 -14.82 -4.58
CA LEU A 87 -3.72 -13.48 -5.13
C LEU A 87 -3.41 -13.45 -6.61
N GLU A 88 -3.81 -12.37 -7.26
CA GLU A 88 -3.52 -12.03 -8.64
C GLU A 88 -1.99 -11.81 -8.63
N TYR A 89 -1.28 -12.36 -9.60
CA TYR A 89 0.18 -12.22 -9.74
C TYR A 89 0.46 -10.92 -10.49
N ALA A 90 1.35 -10.11 -9.93
CA ALA A 90 1.76 -8.82 -10.45
C ALA A 90 3.13 -9.06 -11.07
N PRO A 91 3.16 -9.29 -12.40
CA PRO A 91 4.44 -9.70 -13.04
C PRO A 91 5.60 -8.69 -13.02
N LEU A 92 5.35 -7.37 -12.87
CA LEU A 92 6.47 -6.44 -12.89
C LEU A 92 6.97 -6.07 -11.52
N GLY A 93 6.47 -6.75 -10.48
CA GLY A 93 6.96 -6.61 -9.12
C GLY A 93 6.51 -5.37 -8.39
N THR A 94 7.35 -4.93 -7.44
CA THR A 94 7.08 -3.76 -6.59
C THR A 94 7.59 -2.47 -7.12
N VAL A 95 6.90 -1.38 -6.75
CA VAL A 95 7.31 0.00 -7.01
C VAL A 95 8.60 0.21 -6.18
N TYR A 96 8.69 -0.43 -5.01
CA TYR A 96 9.86 -0.46 -4.12
C TYR A 96 11.14 -0.79 -4.91
N ARG A 97 11.11 -1.90 -5.65
CA ARG A 97 12.25 -2.37 -6.46
C ARG A 97 12.52 -1.42 -7.66
N GLU A 98 11.47 -0.87 -8.31
CA GLU A 98 11.64 0.09 -9.41
C GLU A 98 12.35 1.36 -8.94
N LEU A 99 11.97 1.85 -7.77
CA LEU A 99 12.54 3.03 -7.11
C LEU A 99 13.99 2.77 -6.73
N GLN A 100 14.30 1.58 -6.21
CA GLN A 100 15.66 1.15 -5.84
C GLN A 100 16.59 1.09 -7.07
N LYS A 101 16.07 0.67 -8.22
CA LYS A 101 16.96 0.62 -9.38
C LYS A 101 17.02 1.97 -10.16
N LEU A 102 15.94 2.74 -10.21
CA LEU A 102 15.88 4.02 -10.94
C LEU A 102 16.32 5.20 -10.08
N SER A 103 16.42 5.01 -8.73
CA SER A 103 16.75 6.03 -7.72
C SER A 103 15.60 7.01 -7.43
N LYS A 104 15.05 7.66 -8.47
CA LYS A 104 13.97 8.66 -8.36
C LYS A 104 13.08 8.44 -9.59
N PHE A 105 11.86 8.95 -9.58
CA PHE A 105 10.99 8.91 -10.76
C PHE A 105 10.82 10.34 -11.25
N ASP A 106 10.62 10.49 -12.57
CA ASP A 106 10.40 11.81 -13.12
C ASP A 106 8.98 12.24 -12.75
N GLU A 107 8.63 13.47 -13.05
CA GLU A 107 7.32 14.01 -12.68
C GLU A 107 6.19 13.31 -13.36
N GLN A 108 6.40 12.83 -14.60
CA GLN A 108 5.36 12.15 -15.39
C GLN A 108 5.01 10.78 -14.80
N ARG A 109 6.03 10.00 -14.42
CA ARG A 109 5.86 8.66 -13.83
C ARG A 109 5.19 8.82 -12.46
N THR A 110 5.70 9.77 -11.62
CA THR A 110 5.16 10.05 -10.28
C THR A 110 3.67 10.38 -10.33
N ALA A 111 3.30 11.38 -11.17
CA ALA A 111 1.93 11.87 -11.27
C ALA A 111 1.00 10.82 -11.84
N THR A 112 1.49 9.93 -12.75
CA THR A 112 0.66 8.84 -13.30
C THR A 112 0.37 7.83 -12.17
N TYR A 113 1.37 7.54 -11.32
CA TYR A 113 1.21 6.61 -10.18
C TYR A 113 0.23 7.20 -9.11
N ILE A 114 0.33 8.53 -8.84
CA ILE A 114 -0.53 9.25 -7.92
C ILE A 114 -1.98 9.18 -8.40
N THR A 115 -2.21 9.34 -9.73
CA THR A 115 -3.53 9.25 -10.35
C THR A 115 -4.12 7.81 -10.17
N GLU A 116 -3.29 6.78 -10.45
CA GLU A 116 -3.66 5.37 -10.27
C GLU A 116 -3.99 5.06 -8.81
N LEU A 117 -3.18 5.58 -7.88
CA LEU A 117 -3.42 5.43 -6.45
C LEU A 117 -4.69 6.14 -6.02
N ALA A 118 -4.87 7.43 -6.41
CA ALA A 118 -6.06 8.22 -6.08
C ALA A 118 -7.34 7.55 -6.54
N ASN A 119 -7.33 6.95 -7.74
CA ASN A 119 -8.48 6.25 -8.31
C ASN A 119 -8.80 4.97 -7.53
N ALA A 120 -7.77 4.19 -7.18
CA ALA A 120 -7.95 3.00 -6.35
C ALA A 120 -8.41 3.37 -4.93
N LEU A 121 -7.81 4.41 -4.32
CA LEU A 121 -8.20 4.89 -3.01
C LEU A 121 -9.59 5.49 -2.97
N SER A 122 -9.99 6.21 -4.02
CA SER A 122 -11.33 6.82 -4.11
C SER A 122 -12.37 5.72 -4.03
N TYR A 123 -12.16 4.64 -4.81
CA TYR A 123 -12.96 3.45 -4.84
C TYR A 123 -13.08 2.82 -3.44
N CYS A 124 -11.93 2.64 -2.75
CA CYS A 124 -11.84 2.06 -1.42
C CYS A 124 -12.63 2.83 -0.44
N HIS A 125 -12.30 4.13 -0.29
CA HIS A 125 -12.94 5.07 0.63
C HIS A 125 -14.44 5.21 0.40
N SER A 126 -14.89 4.95 -0.84
CA SER A 126 -16.30 4.99 -1.21
C SER A 126 -17.07 3.86 -0.50
N LYS A 127 -16.33 2.90 0.09
CA LYS A 127 -16.86 1.74 0.83
C LYS A 127 -16.40 1.81 2.28
N ARG A 128 -15.85 2.98 2.68
CA ARG A 128 -15.33 3.29 3.99
C ARG A 128 -14.17 2.39 4.37
N VAL A 129 -13.51 1.82 3.35
CA VAL A 129 -12.34 0.97 3.54
C VAL A 129 -11.11 1.86 3.60
N ILE A 130 -10.30 1.67 4.65
CA ILE A 130 -9.03 2.36 4.84
C ILE A 130 -7.96 1.29 4.67
N HIS A 131 -6.98 1.57 3.84
CA HIS A 131 -5.91 0.63 3.56
C HIS A 131 -4.90 0.63 4.71
N ARG A 132 -4.50 1.82 5.15
CA ARG A 132 -3.57 2.10 6.28
C ARG A 132 -2.14 1.61 6.12
N ASP A 133 -1.79 0.94 5.00
CA ASP A 133 -0.42 0.41 4.81
C ASP A 133 0.11 0.67 3.39
N ILE A 134 -0.26 1.80 2.83
CA ILE A 134 0.15 2.27 1.50
C ILE A 134 1.62 2.62 1.61
N LYS A 135 2.45 1.87 0.90
CA LYS A 135 3.91 2.05 0.87
C LYS A 135 4.50 1.36 -0.37
N PRO A 136 5.71 1.73 -0.87
CA PRO A 136 6.22 1.15 -2.12
C PRO A 136 6.22 -0.38 -2.20
N GLU A 137 6.61 -1.08 -1.12
CA GLU A 137 6.66 -2.54 -1.12
C GLU A 137 5.27 -3.18 -1.24
N ASN A 138 4.20 -2.39 -1.06
CA ASN A 138 2.80 -2.87 -1.17
C ASN A 138 2.09 -2.37 -2.42
N LEU A 139 2.84 -1.72 -3.33
CA LEU A 139 2.36 -1.15 -4.61
C LEU A 139 2.97 -2.01 -5.68
N LEU A 140 2.12 -2.81 -6.31
CA LEU A 140 2.56 -3.81 -7.25
C LEU A 140 2.37 -3.34 -8.70
N LEU A 141 3.04 -3.99 -9.66
CA LEU A 141 2.91 -3.57 -11.08
C LEU A 141 2.40 -4.70 -11.95
N GLY A 142 1.30 -4.42 -12.65
CA GLY A 142 0.67 -5.32 -13.61
C GLY A 142 1.49 -5.49 -14.87
N SER A 143 0.97 -6.29 -15.85
CA SER A 143 1.69 -6.58 -17.11
C SER A 143 1.97 -5.34 -17.97
N ALA A 144 1.06 -4.36 -17.95
CA ALA A 144 1.19 -3.07 -18.67
C ALA A 144 1.91 -1.99 -17.81
N GLY A 145 2.49 -2.39 -16.68
CA GLY A 145 3.15 -1.46 -15.76
C GLY A 145 2.22 -0.59 -14.91
N GLU A 146 0.89 -0.91 -14.89
CA GLU A 146 -0.13 -0.21 -14.12
C GLU A 146 0.02 -0.53 -12.63
N LEU A 147 -0.18 0.47 -11.79
CA LEU A 147 -0.03 0.31 -10.33
C LEU A 147 -1.21 -0.45 -9.75
N LYS A 148 -0.91 -1.35 -8.81
CA LYS A 148 -1.91 -2.16 -8.12
C LYS A 148 -1.70 -2.12 -6.63
N ILE A 149 -2.70 -1.60 -5.95
CA ILE A 149 -2.62 -1.50 -4.49
C ILE A 149 -2.71 -2.91 -3.90
N ALA A 150 -1.71 -3.33 -3.11
CA ALA A 150 -1.77 -4.67 -2.54
C ALA A 150 -1.56 -4.66 -1.00
N ASP A 151 -1.60 -5.83 -0.39
CA ASP A 151 -1.39 -6.04 1.03
C ASP A 151 -2.39 -5.27 1.87
N PHE A 152 -3.60 -5.81 1.91
CA PHE A 152 -4.72 -5.31 2.71
C PHE A 152 -4.69 -5.86 4.13
N GLY A 153 -3.50 -6.28 4.57
CA GLY A 153 -3.23 -6.85 5.87
C GLY A 153 -3.72 -6.05 7.05
N TRP A 154 -3.54 -4.71 7.03
CA TRP A 154 -3.93 -3.78 8.09
C TRP A 154 -5.19 -2.99 7.80
N SER A 155 -5.93 -3.42 6.78
CA SER A 155 -7.13 -2.73 6.29
C SER A 155 -8.27 -2.88 7.28
N VAL A 156 -9.12 -1.83 7.40
CA VAL A 156 -10.25 -1.76 8.32
C VAL A 156 -11.31 -0.87 7.69
N HIS A 157 -12.52 -0.88 8.25
CA HIS A 157 -13.55 0.07 7.88
C HIS A 157 -13.41 1.29 8.81
N ALA A 158 -13.65 2.49 8.26
CA ALA A 158 -13.56 3.80 8.94
C ALA A 158 -14.91 4.21 9.54
N PRO A 159 -14.90 4.89 10.72
CA PRO A 159 -13.74 5.28 11.55
C PRO A 159 -13.21 4.13 12.39
N SER A 160 -11.94 4.21 12.74
CA SER A 160 -11.32 3.16 13.54
C SER A 160 -10.37 3.81 14.51
N SER A 161 -10.11 3.12 15.62
CA SER A 161 -9.20 3.54 16.66
C SER A 161 -8.29 2.34 16.96
N ARG A 162 -8.38 1.29 16.11
CA ARG A 162 -7.64 0.01 16.18
C ARG A 162 -6.11 0.16 16.13
N ARG A 163 -5.40 -0.59 16.98
CA ARG A 163 -3.94 -0.60 17.14
C ARG A 163 -3.17 -1.24 15.98
N GLY A 168 6.74 -2.91 10.64
CA GLY A 168 7.77 -2.22 9.87
C GLY A 168 8.01 -0.79 10.32
N THR A 169 8.60 0.07 9.42
CA THR A 169 8.89 1.47 9.77
C THR A 169 7.62 2.29 9.89
N LEU A 170 7.68 3.45 10.58
CA LEU A 170 6.51 4.35 10.69
C LEU A 170 6.40 5.33 9.47
N ASP A 171 7.37 5.28 8.58
CA ASP A 171 7.57 6.18 7.44
C ASP A 171 6.32 6.67 6.74
N TYR A 172 5.28 5.80 6.60
CA TYR A 172 4.04 6.15 5.87
C TYR A 172 2.83 6.41 6.72
N LEU A 173 2.98 6.23 8.03
CA LEU A 173 1.85 6.43 8.93
C LEU A 173 1.65 7.90 9.39
N PRO A 174 0.38 8.39 9.36
CA PRO A 174 0.12 9.77 9.82
C PRO A 174 0.21 9.97 11.35
N PRO A 175 0.31 11.23 11.86
CA PRO A 175 0.39 11.43 13.33
C PRO A 175 -0.73 10.75 14.13
N GLU A 176 -2.01 10.85 13.69
CA GLU A 176 -3.16 10.24 14.38
C GLU A 176 -3.03 8.72 14.65
N MET A 177 -2.42 7.94 13.73
CA MET A 177 -2.20 6.49 13.88
C MET A 177 -0.99 6.18 14.73
N ILE A 178 0.05 7.02 14.66
CA ILE A 178 1.32 6.92 15.38
C ILE A 178 1.05 7.18 16.88
N GLU A 179 0.07 8.05 17.19
CA GLU A 179 -0.29 8.40 18.56
C GLU A 179 -1.25 7.36 19.18
N GLY A 180 -2.01 6.68 18.32
CA GLY A 180 -2.97 5.65 18.68
C GLY A 180 -4.34 6.25 18.87
N ARG A 181 -4.66 7.25 18.05
CA ARG A 181 -5.91 7.98 18.13
C ARG A 181 -6.91 7.52 17.09
N MET A 182 -8.11 8.12 17.10
CA MET A 182 -9.16 7.84 16.13
C MET A 182 -8.69 8.32 14.76
N HIS A 183 -9.06 7.58 13.70
CA HIS A 183 -8.65 7.90 12.36
C HIS A 183 -9.64 7.43 11.31
N ASP A 184 -9.58 8.05 10.12
CA ASP A 184 -10.46 7.68 9.02
C ASP A 184 -9.68 7.62 7.69
N GLU A 185 -10.40 7.74 6.56
CA GLU A 185 -9.91 7.70 5.19
C GLU A 185 -8.77 8.68 4.93
N LYS A 186 -8.66 9.72 5.77
CA LYS A 186 -7.63 10.76 5.69
C LYS A 186 -6.23 10.22 5.94
N VAL A 187 -6.10 9.04 6.60
CA VAL A 187 -4.79 8.41 6.81
C VAL A 187 -4.14 8.08 5.46
N ASP A 188 -4.95 7.65 4.47
CA ASP A 188 -4.45 7.26 3.15
C ASP A 188 -4.05 8.48 2.32
N LEU A 189 -4.67 9.66 2.62
CA LEU A 189 -4.31 10.92 1.96
C LEU A 189 -2.91 11.36 2.44
N TRP A 190 -2.61 11.17 3.74
CA TRP A 190 -1.28 11.48 4.28
C TRP A 190 -0.26 10.57 3.60
N SER A 191 -0.54 9.25 3.52
CA SER A 191 0.37 8.24 2.96
C SER A 191 0.66 8.54 1.50
N LEU A 192 -0.37 8.97 0.74
CA LEU A 192 -0.25 9.42 -0.66
C LEU A 192 0.75 10.60 -0.77
N GLY A 193 0.72 11.51 0.21
CA GLY A 193 1.66 12.62 0.26
C GLY A 193 3.07 12.14 0.46
N VAL A 194 3.25 11.15 1.35
CA VAL A 194 4.56 10.57 1.69
C VAL A 194 5.08 9.83 0.44
N LEU A 195 4.18 9.20 -0.31
CA LEU A 195 4.55 8.44 -1.52
C LEU A 195 5.04 9.39 -2.65
N CYS A 196 4.27 10.48 -2.92
CA CYS A 196 4.60 11.52 -3.91
C CYS A 196 6.00 12.06 -3.65
N TYR A 197 6.29 12.39 -2.40
CA TYR A 197 7.63 12.89 -2.01
C TYR A 197 8.66 11.80 -2.32
N GLU A 198 8.42 10.58 -1.85
CA GLU A 198 9.37 9.49 -2.05
C GLU A 198 9.67 9.20 -3.50
N PHE A 199 8.62 9.20 -4.34
CA PHE A 199 8.80 8.95 -5.78
C PHE A 199 9.75 9.98 -6.42
N LEU A 200 9.58 11.25 -6.09
CA LEU A 200 10.36 12.34 -6.66
C LEU A 200 11.78 12.43 -6.07
N VAL A 201 11.90 12.14 -4.79
CA VAL A 201 13.15 12.36 -4.04
C VAL A 201 14.00 11.12 -3.89
N GLY A 202 13.39 9.94 -3.81
CA GLY A 202 14.16 8.70 -3.68
C GLY A 202 14.13 8.14 -2.27
N LYS A 203 13.58 8.92 -1.32
CA LYS A 203 13.42 8.47 0.05
C LYS A 203 12.22 9.17 0.69
N PRO A 204 11.55 8.50 1.66
CA PRO A 204 10.37 9.11 2.32
C PRO A 204 10.73 10.37 3.13
N PRO A 205 9.83 11.37 3.25
CA PRO A 205 10.19 12.65 3.93
C PRO A 205 10.59 12.62 5.40
N PHE A 206 10.20 11.56 6.14
CA PHE A 206 10.51 11.46 7.57
C PHE A 206 11.48 10.35 7.86
N GLU A 207 12.14 9.82 6.81
CA GLU A 207 13.11 8.75 6.95
C GLU A 207 14.17 9.13 7.97
N ALA A 208 14.56 8.13 8.80
CA ALA A 208 15.56 8.27 9.87
C ALA A 208 16.16 6.93 10.24
N ASN A 209 17.19 7.03 11.07
CA ASN A 209 17.97 5.91 11.57
C ASN A 209 17.22 5.11 12.59
N THR A 210 16.26 5.74 13.28
CA THR A 210 15.50 5.08 14.32
C THR A 210 14.05 5.38 14.17
N TYR A 211 13.21 4.54 14.81
CA TYR A 211 11.74 4.60 14.89
C TYR A 211 11.42 5.84 15.74
N GLN A 212 12.35 6.16 16.69
CA GLN A 212 12.23 7.26 17.64
C GLN A 212 12.29 8.61 16.90
N GLU A 213 13.39 8.84 16.19
CA GLU A 213 13.63 10.02 15.35
C GLU A 213 12.49 10.17 14.31
N THR A 214 12.06 9.05 13.64
CA THR A 214 10.96 9.10 12.66
C THR A 214 9.64 9.53 13.30
N TYR A 215 9.34 9.03 14.53
CA TYR A 215 8.11 9.39 15.29
C TYR A 215 8.02 10.91 15.48
N LYS A 216 9.13 11.52 15.91
CA LYS A 216 9.18 12.97 16.19
C LYS A 216 8.94 13.77 14.92
N ARG A 217 9.62 13.37 13.83
CA ARG A 217 9.49 14.01 12.52
C ARG A 217 8.05 14.01 12.02
N ILE A 218 7.32 12.89 12.18
CA ILE A 218 5.92 12.83 11.74
C ILE A 218 5.07 13.73 12.62
N SER A 219 5.24 13.61 13.96
CA SER A 219 4.51 14.38 14.97
C SER A 219 4.64 15.90 14.72
N ARG A 220 5.87 16.34 14.40
CA ARG A 220 6.19 17.78 14.17
C ARG A 220 5.93 18.22 12.75
N VAL A 221 5.78 17.25 11.79
CA VAL A 221 5.64 17.44 10.35
C VAL A 221 6.95 18.12 9.89
N GLU A 222 8.04 17.62 10.41
CA GLU A 222 9.34 18.17 10.12
C GLU A 222 9.93 17.53 8.83
N PHE A 223 9.83 18.23 7.68
CA PHE A 223 10.44 17.78 6.43
C PHE A 223 10.84 18.95 5.54
N THR A 224 11.84 18.72 4.69
CA THR A 224 12.30 19.73 3.73
C THR A 224 12.42 19.11 2.34
N PHE A 225 12.26 19.92 1.29
CA PHE A 225 12.39 19.46 -0.09
C PHE A 225 13.79 19.72 -0.65
N PRO A 226 14.37 18.77 -1.42
CA PRO A 226 15.60 19.08 -2.17
C PRO A 226 15.25 20.19 -3.20
N ASP A 227 16.24 20.99 -3.61
CA ASP A 227 15.98 22.11 -4.55
C ASP A 227 15.35 21.72 -5.90
N PHE A 228 15.60 20.49 -6.42
CA PHE A 228 15.04 20.07 -7.71
C PHE A 228 13.52 19.85 -7.73
N VAL A 229 12.88 19.74 -6.55
CA VAL A 229 11.43 19.56 -6.45
C VAL A 229 10.71 20.82 -6.88
N THR A 230 9.84 20.70 -7.89
CA THR A 230 9.11 21.82 -8.47
C THR A 230 8.06 22.40 -7.54
N GLU A 231 7.66 23.65 -7.81
CA GLU A 231 6.66 24.44 -7.09
C GLU A 231 5.32 23.70 -7.00
N GLY A 232 4.88 23.10 -8.10
CA GLY A 232 3.63 22.35 -8.17
C GLY A 232 3.63 21.07 -7.34
N ALA A 233 4.79 20.39 -7.29
CA ALA A 233 5.00 19.16 -6.51
C ALA A 233 4.99 19.48 -5.01
N ARG A 234 5.72 20.55 -4.60
CA ARG A 234 5.75 21.05 -3.21
C ARG A 234 4.34 21.40 -2.75
N ASP A 235 3.55 22.04 -3.61
CA ASP A 235 2.18 22.43 -3.29
C ASP A 235 1.34 21.20 -2.94
N LEU A 236 1.23 20.22 -3.87
CA LEU A 236 0.51 18.97 -3.64
C LEU A 236 0.98 18.24 -2.40
N ILE A 237 2.31 18.06 -2.22
CA ILE A 237 2.86 17.34 -1.05
C ILE A 237 2.49 18.06 0.25
N SER A 238 2.86 19.36 0.37
CA SER A 238 2.61 20.21 1.55
C SER A 238 1.14 20.21 1.96
N ARG A 239 0.22 20.14 1.01
CA ARG A 239 -1.21 20.03 1.25
C ARG A 239 -1.61 18.65 1.83
N LEU A 240 -0.99 17.57 1.33
CA LEU A 240 -1.30 16.21 1.80
C LEU A 240 -0.72 15.95 3.15
N LEU A 241 0.43 16.59 3.45
CA LEU A 241 1.06 16.37 4.73
C LEU A 241 0.67 17.36 5.83
N LYS A 242 -0.65 17.44 6.13
CA LYS A 242 -1.19 18.28 7.21
C LYS A 242 -1.34 17.40 8.45
N HIS A 243 -0.82 17.86 9.60
CA HIS A 243 -0.98 17.17 10.89
C HIS A 243 -2.49 16.91 11.16
N ASN A 244 -3.36 17.83 10.72
CA ASN A 244 -4.80 17.71 10.90
C ASN A 244 -5.46 17.01 9.73
N PRO A 245 -5.97 15.77 9.99
CA PRO A 245 -6.70 15.03 8.94
C PRO A 245 -7.80 15.82 8.21
N SER A 246 -8.56 16.68 8.95
CA SER A 246 -9.65 17.50 8.39
C SER A 246 -9.18 18.47 7.29
N GLN A 247 -7.93 18.95 7.42
CA GLN A 247 -7.31 19.90 6.49
C GLN A 247 -6.74 19.30 5.20
N ARG A 248 -6.51 17.96 5.15
CA ARG A 248 -6.03 17.28 3.94
C ARG A 248 -7.11 17.29 2.87
N PRO A 249 -6.77 17.33 1.57
CA PRO A 249 -7.83 17.38 0.55
C PRO A 249 -8.52 16.04 0.29
N MET A 250 -9.64 16.10 -0.45
CA MET A 250 -10.35 14.96 -0.97
C MET A 250 -9.51 14.41 -2.12
N LEU A 251 -9.78 13.17 -2.56
CA LEU A 251 -9.06 12.55 -3.66
C LEU A 251 -9.48 13.18 -5.00
N ARG A 252 -10.70 13.75 -5.07
CA ARG A 252 -11.18 14.47 -6.26
C ARG A 252 -10.27 15.71 -6.49
N GLU A 253 -9.89 16.38 -5.39
CA GLU A 253 -9.00 17.55 -5.38
C GLU A 253 -7.57 17.17 -5.81
N VAL A 254 -7.07 15.99 -5.39
CA VAL A 254 -5.74 15.51 -5.75
C VAL A 254 -5.70 15.28 -7.29
N LEU A 255 -6.75 14.65 -7.83
CA LEU A 255 -6.90 14.33 -9.24
C LEU A 255 -7.03 15.54 -10.16
N GLU A 256 -7.57 16.66 -9.64
CA GLU A 256 -7.73 17.92 -10.37
C GLU A 256 -6.59 18.90 -10.08
N HIS A 257 -5.57 18.51 -9.27
CA HIS A 257 -4.45 19.40 -8.98
C HIS A 257 -3.72 19.71 -10.27
N PRO A 258 -3.38 21.01 -10.52
CA PRO A 258 -2.73 21.36 -11.79
C PRO A 258 -1.47 20.57 -12.10
N TRP A 259 -0.67 20.25 -11.08
CA TRP A 259 0.57 19.47 -11.24
C TRP A 259 0.24 18.04 -11.73
N ILE A 260 -0.81 17.44 -11.16
CA ILE A 260 -1.27 16.11 -11.58
C ILE A 260 -1.73 16.17 -13.04
N THR A 261 -2.68 17.07 -13.36
CA THR A 261 -3.24 17.18 -14.71
C THR A 261 -2.19 17.49 -15.77
N ALA A 262 -1.16 18.29 -15.43
CA ALA A 262 -0.08 18.64 -16.38
C ALA A 262 0.92 17.53 -16.63
N ASN A 263 1.08 16.60 -15.65
CA ASN A 263 2.08 15.56 -15.77
C ASN A 263 1.54 14.14 -15.88
N SER A 264 0.23 13.94 -15.66
CA SER A 264 -0.40 12.63 -15.75
C SER A 264 -1.15 12.54 -17.08
N SER A 265 -1.11 11.39 -17.78
CA SER A 265 -0.49 10.12 -17.46
C SER A 265 0.46 9.70 -18.56
N T3I B . -7.60 -26.57 11.60
C T3I B . -6.38 -26.43 12.40
O T3I B . -9.20 -25.62 13.23
CL T3I B . -8.64 -15.92 6.32
C9 T3I B . -8.27 -16.99 7.63
C8 T3I B . -8.36 -18.36 7.45
C7 T3I B . -8.01 -19.21 8.50
C10 T3I B . -7.86 -16.46 8.84
C11 T3I B . -7.53 -17.31 9.88
C6 T3I B . -7.59 -18.70 9.73
C5 T3I B . -7.23 -19.61 10.84
C4 T3I B . -8.05 -20.72 11.04
C12 T3I B . -6.10 -19.46 11.68
C15 T3I B . -5.85 -20.42 12.66
N2 T3I B . -4.77 -19.99 13.40
C14 T3I B . -4.35 -18.79 12.89
C13 T3I B . -5.13 -18.41 11.85
C16 T3I B . -6.62 -21.58 12.86
C17 T3I B . -6.27 -22.60 13.91
C3 T3I B . -7.75 -21.67 12.00
C2 T3I B . -8.66 -22.86 12.07
O2 T3I B . -9.88 -22.73 12.18
N1 T3I B . -8.08 -24.09 11.84
S T3I B . -8.80 -25.54 11.86
O1 T3I B . -9.80 -25.60 10.85
C1 T3I B . -7.37 -27.05 10.24
PB ADP C . 3.09 -8.77 4.08
O1B ADP C . 3.99 -7.52 3.98
O2B ADP C . 3.84 -9.74 4.93
O3B ADP C . 1.73 -8.42 4.57
PA ADP C . 2.66 -8.88 1.17
O1A ADP C . 2.92 -7.38 1.15
O2A ADP C . 1.27 -9.15 0.73
O3A ADP C . 2.97 -9.44 2.64
O5' ADP C . 3.74 -9.55 0.21
C5' ADP C . 5.16 -9.60 0.51
C4' ADP C . 5.97 -9.28 -0.74
O4' ADP C . 5.82 -10.34 -1.72
C3' ADP C . 5.58 -8.00 -1.48
O3' ADP C . 6.12 -6.82 -0.89
C2' ADP C . 6.11 -8.29 -2.89
O2' ADP C . 7.54 -8.14 -2.95
C1' ADP C . 5.75 -9.77 -3.03
N9 ADP C . 4.39 -9.98 -3.54
C8 ADP C . 3.25 -10.02 -2.79
N7 ADP C . 2.16 -10.24 -3.48
C5 ADP C . 2.62 -10.37 -4.78
C6 ADP C . 1.96 -10.61 -5.99
N6 ADP C . 0.63 -10.81 -6.09
N1 ADP C . 2.70 -10.64 -7.12
C2 ADP C . 4.02 -10.42 -7.03
N3 ADP C . 4.75 -10.19 -5.95
C4 ADP C . 3.99 -10.19 -4.84
MG MG D . 3.43 -6.02 2.44
MG MG E . 0.85 -6.62 5.04
C1 GOL F . -12.82 -15.57 -0.50
O1 GOL F . -13.04 -14.95 0.76
C2 GOL F . -13.52 -16.90 -0.60
O2 GOL F . -14.01 -17.07 -1.94
C3 GOL F . -12.60 -18.04 -0.21
O3 GOL F . -12.67 -19.16 -1.09
C1 T5L G . -0.98 -10.16 8.20
C2 T5L G . -0.92 -8.61 8.29
C3 T5L G . 0.30 -8.01 7.64
O1 T5L G . 0.65 -11.06 6.80
O3 T5L G . 1.40 -7.95 8.13
O2 T5L G . 0.00 -7.55 6.48
C4 T5L G . -1.16 -8.14 9.72
C5 T5L G . -2.53 -8.61 10.23
C6 T5L G . -2.70 -10.13 10.08
C7 T5L G . -2.36 -10.63 8.68
C T5L G . -0.60 -10.69 6.84
O T5L G . -1.35 -10.84 5.91
S SO4 H . 14.33 10.36 21.38
O1 SO4 H . 15.14 9.32 21.98
O2 SO4 H . 14.67 11.64 22.00
O3 SO4 H . 14.60 10.35 19.94
O4 SO4 H . 12.90 10.12 21.59
S SO4 I . 0.79 21.28 10.02
O1 SO4 I . 1.45 21.26 11.34
O2 SO4 I . 1.63 20.59 9.04
O3 SO4 I . 0.60 22.67 9.59
O4 SO4 I . -0.52 20.63 10.11
S SO4 J . -14.16 -3.69 10.68
O1 SO4 J . -13.65 -3.96 9.35
O2 SO4 J . -13.14 -2.98 11.44
O3 SO4 J . -14.51 -4.98 11.32
O4 SO4 J . -15.35 -2.85 10.56
S SO4 K . 3.11 -28.25 -18.47
O1 SO4 K . 4.10 -29.29 -18.78
O2 SO4 K . 3.81 -27.15 -17.82
O3 SO4 K . 2.46 -27.73 -19.67
O4 SO4 K . 2.06 -28.82 -17.60
S SO4 L . -8.62 -18.75 15.40
O1 SO4 L . -7.48 -19.40 14.81
O2 SO4 L . -8.17 -17.98 16.54
O3 SO4 L . -9.28 -17.96 14.37
O4 SO4 L . -9.55 -19.75 15.86
S SO4 M . -13.09 -21.54 7.47
O1 SO4 M . -12.43 -22.49 6.58
O2 SO4 M . -12.39 -21.51 8.75
O3 SO4 M . -13.05 -20.21 6.91
O4 SO4 M . -14.48 -21.95 7.65
S SO4 N . -10.31 -7.72 16.39
O1 SO4 N . -9.07 -8.16 15.75
O2 SO4 N . -10.43 -8.31 17.73
O3 SO4 N . -11.46 -8.13 15.60
O4 SO4 N . -10.30 -6.25 16.51
S DMS O . -13.40 11.42 -2.60
O DMS O . -12.20 11.61 -1.73
C1 DMS O . -12.89 11.61 -4.26
C2 DMS O . -13.69 9.68 -2.63
S DMS P . 4.88 -23.50 0.47
O DMS P . 5.87 -24.50 0.05
C1 DMS P . 3.34 -24.34 0.44
C2 DMS P . 5.12 -23.35 2.21
C ACT Q . -4.93 17.73 15.21
O ACT Q . -4.21 18.45 14.45
OXT ACT Q . -6.12 17.41 14.96
CH3 ACT Q . -4.30 17.20 16.50
#